data_2CBG
#
_entry.id   2CBG
#
_cell.length_a   72.354
_cell.length_b   72.354
_cell.length_c   96.333
_cell.angle_alpha   90.00
_cell.angle_beta   90.00
_cell.angle_gamma   120.00
#
_symmetry.space_group_name_H-M   'P 61'
#
loop_
_entity.id
_entity.type
_entity.pdbx_description
1 polymer 'FENGYCIN SYNTHETASE'
2 non-polymer 'phenylmethanesulfonic acid'
3 water water
#
_entity_poly.entity_id   1
_entity_poly.type   'polypeptide(L)'
_entity_poly.pdbx_seq_one_letter_code
;MARSQLSAAGEQHVIQLNQQGGKNLFCFPPISGFGIYFKDLALQLNHKAAVYGFHFIEEDSRIEQYVSRITEIQPEGPYV
LLGYSAGGNLAFEVVQAMEQKGLEVSDFIIVDAYKKDQSITADTENDDSAAYLPEAVRETVMQKKRCYQEYWAQLINEGR
IKSNIHFIEAGIQTETSGAMVLQKWQDAAEEGYAEYTGYGAHKDMLEGEFAEKNANIILNILDKINSDQKVLPNKHGSHH
HHHH
;
_entity_poly.pdbx_strand_id   A
#
loop_
_chem_comp.id
_chem_comp.type
_chem_comp.name
_chem_comp.formula
PMS non-polymer 'phenylmethanesulfonic acid' 'C7 H8 O3 S'
#
# COMPACT_ATOMS: atom_id res chain seq x y z
N SER A 7 13.22 3.07 -15.60
CA SER A 7 12.88 1.55 -15.69
C SER A 7 13.62 0.55 -16.72
N ALA A 8 13.60 -0.78 -16.43
CA ALA A 8 14.37 -1.85 -17.19
C ALA A 8 14.10 -1.86 -18.68
N ALA A 9 12.91 -2.28 -19.11
CA ALA A 9 12.56 -2.18 -20.56
C ALA A 9 11.63 -0.98 -20.98
N GLY A 10 11.46 0.13 -20.22
CA GLY A 10 10.58 1.23 -20.68
C GLY A 10 9.10 1.03 -20.26
N GLU A 11 8.78 -0.19 -19.78
CA GLU A 11 7.54 -0.59 -19.10
C GLU A 11 7.13 0.23 -17.91
N GLN A 12 5.85 0.23 -17.60
CA GLN A 12 5.38 0.83 -16.34
C GLN A 12 5.16 -0.24 -15.24
N HIS A 13 4.94 0.20 -14.02
CA HIS A 13 4.86 -0.68 -12.87
C HIS A 13 3.60 -0.33 -12.11
N VAL A 14 2.50 -0.11 -12.84
CA VAL A 14 1.20 0.31 -12.26
C VAL A 14 0.16 0.05 -13.35
N ILE A 15 -1.03 -0.33 -12.92
CA ILE A 15 -2.13 -0.59 -13.86
C ILE A 15 -3.22 0.34 -13.39
N GLN A 16 -3.73 1.16 -14.27
CA GLN A 16 -4.96 1.86 -13.95
C GLN A 16 -6.09 0.87 -14.04
N LEU A 17 -6.76 0.65 -12.88
CA LEU A 17 -7.65 -0.51 -12.67
C LEU A 17 -9.15 -0.19 -12.84
N ASN A 18 -9.44 1.08 -12.89
CA ASN A 18 -10.87 1.48 -13.01
C ASN A 18 -10.86 2.86 -13.68
N GLN A 19 -12.08 3.37 -13.92
CA GLN A 19 -12.27 4.67 -14.62
C GLN A 19 -11.55 5.85 -13.91
N GLN A 20 -10.83 6.70 -14.62
CA GLN A 20 -10.51 8.01 -13.94
C GLN A 20 -11.70 8.75 -13.27
N GLY A 21 -11.40 9.52 -12.23
CA GLY A 21 -12.43 10.27 -11.52
C GLY A 21 -12.35 10.22 -10.00
N GLY A 22 -12.89 11.30 -9.38
CA GLY A 22 -12.87 11.57 -7.96
C GLY A 22 -11.39 11.59 -7.68
N LYS A 23 -10.95 11.28 -6.44
CA LYS A 23 -9.52 11.20 -6.13
C LYS A 23 -8.74 10.00 -6.84
N ASN A 24 -7.48 10.23 -7.11
CA ASN A 24 -6.50 9.12 -7.41
C ASN A 24 -6.05 8.36 -6.14
N LEU A 25 -6.17 7.03 -6.13
CA LEU A 25 -5.71 6.27 -5.00
C LEU A 25 -4.58 5.31 -5.37
N PHE A 26 -3.36 5.69 -4.96
CA PHE A 26 -2.19 4.95 -5.34
C PHE A 26 -1.95 3.83 -4.37
N CYS A 27 -2.17 2.62 -4.87
CA CYS A 27 -2.17 1.38 -4.09
C CYS A 27 -0.91 0.51 -4.21
N PHE A 28 -0.39 0.07 -3.06
CA PHE A 28 0.86 -0.65 -2.93
C PHE A 28 0.54 -2.04 -2.48
N PRO A 29 1.09 -3.07 -3.21
CA PRO A 29 0.50 -4.42 -3.07
C PRO A 29 0.96 -5.20 -1.84
N PRO A 30 0.30 -6.37 -1.64
CA PRO A 30 0.75 -7.39 -0.71
C PRO A 30 1.94 -8.16 -1.28
N ILE A 31 2.45 -9.13 -0.50
CA ILE A 31 3.79 -9.62 -0.81
C ILE A 31 3.98 -10.26 -2.25
N SER A 32 2.88 -10.80 -2.82
CA SER A 32 2.87 -11.49 -4.16
C SER A 32 3.37 -10.50 -5.21
N GLY A 33 3.17 -9.18 -4.98
CA GLY A 33 3.89 -8.16 -5.73
C GLY A 33 3.29 -7.48 -6.91
N PHE A 34 2.02 -7.72 -7.18
CA PHE A 34 1.47 -7.31 -8.50
C PHE A 34 0.33 -6.37 -8.24
N GLY A 35 0.34 -5.18 -8.83
CA GLY A 35 -0.80 -4.31 -8.79
C GLY A 35 -2.18 -4.91 -9.10
N ILE A 36 -2.23 -6.00 -9.84
CA ILE A 36 -3.55 -6.58 -10.33
C ILE A 36 -4.28 -7.09 -9.05
N TYR A 37 -3.52 -7.28 -7.96
CA TYR A 37 -4.15 -7.52 -6.67
C TYR A 37 -5.38 -6.55 -6.35
N PHE A 38 -5.28 -5.29 -6.71
CA PHE A 38 -6.24 -4.29 -6.36
C PHE A 38 -7.53 -4.22 -7.27
N LYS A 39 -7.67 -5.26 -8.10
CA LYS A 39 -8.75 -5.45 -9.00
C LYS A 39 -10.15 -5.38 -8.34
N ASP A 40 -10.30 -6.09 -7.24
CA ASP A 40 -11.63 -6.07 -6.57
C ASP A 40 -11.88 -4.73 -5.86
N LEU A 41 -10.83 -4.19 -5.24
CA LEU A 41 -10.91 -2.84 -4.71
C LEU A 41 -11.49 -1.86 -5.79
N ALA A 42 -10.92 -1.94 -6.98
CA ALA A 42 -11.22 -1.12 -8.12
C ALA A 42 -12.63 -1.25 -8.62
N LEU A 43 -13.08 -2.49 -8.76
CA LEU A 43 -14.49 -2.77 -9.06
C LEU A 43 -15.39 -2.02 -8.09
N GLN A 44 -15.22 -2.27 -6.76
CA GLN A 44 -15.98 -1.53 -5.66
C GLN A 44 -16.05 -0.05 -5.82
N LEU A 45 -15.00 0.54 -6.35
CA LEU A 45 -14.91 2.03 -6.34
C LEU A 45 -14.95 2.54 -7.76
N ASN A 46 -15.29 1.68 -8.74
CA ASN A 46 -15.48 2.26 -10.07
C ASN A 46 -16.43 3.52 -10.09
N HIS A 47 -15.86 4.64 -10.61
CA HIS A 47 -16.51 5.93 -10.77
C HIS A 47 -16.71 6.64 -9.40
N LYS A 48 -16.11 6.04 -8.38
CA LYS A 48 -15.81 6.79 -7.13
C LYS A 48 -14.34 7.31 -6.97
N ALA A 49 -13.32 6.46 -7.27
CA ALA A 49 -11.93 6.87 -7.09
C ALA A 49 -11.11 6.13 -8.13
N ALA A 50 -10.04 6.74 -8.60
CA ALA A 50 -9.33 6.07 -9.66
C ALA A 50 -8.31 5.18 -8.93
N VAL A 51 -8.42 3.82 -9.06
CA VAL A 51 -7.55 2.89 -8.34
C VAL A 51 -6.39 2.53 -9.26
N TYR A 52 -5.17 2.80 -8.77
CA TYR A 52 -3.91 2.47 -9.50
C TYR A 52 -3.17 1.41 -8.72
N GLY A 53 -2.92 0.25 -9.29
CA GLY A 53 -2.32 -0.80 -8.48
C GLY A 53 -0.88 -0.97 -8.93
N PHE A 54 0.10 -0.68 -8.04
CA PHE A 54 1.54 -0.77 -8.34
C PHE A 54 2.04 -2.17 -8.14
N HIS A 55 3.03 -2.51 -8.92
CA HIS A 55 3.82 -3.72 -8.72
C HIS A 55 4.95 -3.39 -7.77
N PHE A 56 5.41 -4.42 -7.05
CA PHE A 56 6.71 -4.24 -6.40
C PHE A 56 7.91 -4.11 -7.44
N ILE A 57 8.68 -2.98 -7.39
CA ILE A 57 9.71 -2.76 -8.41
C ILE A 57 11.03 -3.37 -7.93
N GLU A 58 11.59 -4.29 -8.67
CA GLU A 58 12.75 -4.92 -8.17
C GLU A 58 14.04 -4.10 -8.19
N GLU A 59 14.12 -3.05 -8.98
CA GLU A 59 15.33 -2.27 -8.86
C GLU A 59 15.40 -1.52 -7.55
N ASP A 60 16.63 -1.16 -7.25
CA ASP A 60 17.01 -0.38 -6.11
C ASP A 60 16.51 1.01 -6.11
N SER A 61 16.24 1.54 -7.30
CA SER A 61 15.68 2.87 -7.44
C SER A 61 14.11 2.82 -7.26
N ARG A 62 13.55 1.70 -6.80
CA ARG A 62 12.08 1.63 -6.74
C ARG A 62 11.35 2.91 -6.19
N ILE A 63 11.91 3.52 -5.14
CA ILE A 63 11.23 4.59 -4.41
C ILE A 63 11.09 5.83 -5.28
N GLU A 64 12.20 6.25 -5.88
CA GLU A 64 12.22 7.34 -6.88
C GLU A 64 11.30 7.07 -8.07
N GLN A 65 11.32 5.85 -8.55
CA GLN A 65 10.41 5.42 -9.60
C GLN A 65 8.88 5.45 -9.33
N TYR A 66 8.49 5.19 -8.08
CA TYR A 66 7.13 5.24 -7.67
C TYR A 66 6.79 6.70 -7.61
N VAL A 67 7.70 7.47 -7.00
CA VAL A 67 7.40 8.90 -6.89
C VAL A 67 7.31 9.48 -8.29
N SER A 68 8.22 9.00 -9.14
CA SER A 68 8.26 9.63 -10.44
C SER A 68 6.92 9.29 -11.16
N ARG A 69 6.50 8.00 -11.07
CA ARG A 69 5.30 7.53 -11.77
C ARG A 69 4.03 8.22 -11.25
N ILE A 70 3.95 8.31 -9.93
CA ILE A 70 2.84 8.96 -9.33
C ILE A 70 2.62 10.40 -9.86
N THR A 71 3.71 11.17 -9.95
CA THR A 71 3.56 12.56 -10.33
C THR A 71 3.39 12.74 -11.84
N GLU A 72 3.76 11.70 -12.61
CA GLU A 72 3.39 11.68 -14.03
C GLU A 72 1.88 11.55 -14.12
N ILE A 73 1.25 10.72 -13.26
CA ILE A 73 -0.13 10.40 -13.54
C ILE A 73 -0.94 11.56 -12.98
N GLN A 74 -0.44 12.12 -11.90
CA GLN A 74 -1.13 13.24 -11.22
C GLN A 74 -0.09 14.31 -10.92
N PRO A 75 0.03 15.26 -11.85
CA PRO A 75 1.10 16.33 -11.74
C PRO A 75 1.00 17.26 -10.46
N GLU A 76 -0.23 17.53 -10.02
CA GLU A 76 -0.52 18.33 -8.82
C GLU A 76 -0.90 17.47 -7.55
N GLY A 77 -0.22 17.71 -6.42
CA GLY A 77 -0.68 17.36 -5.08
C GLY A 77 -2.06 18.01 -4.77
N PRO A 78 -2.70 17.66 -3.63
CA PRO A 78 -2.22 16.61 -2.67
C PRO A 78 -2.51 15.14 -3.17
N TYR A 79 -1.78 14.22 -2.58
CA TYR A 79 -1.79 12.79 -2.95
C TYR A 79 -2.44 11.96 -1.88
N VAL A 80 -3.26 10.98 -2.28
CA VAL A 80 -3.71 9.96 -1.33
C VAL A 80 -3.02 8.65 -1.74
N LEU A 81 -2.38 7.97 -0.76
CA LEU A 81 -1.67 6.69 -1.07
C LEU A 81 -2.34 5.56 -0.24
N LEU A 82 -2.21 4.31 -0.65
CA LEU A 82 -2.67 3.17 0.19
C LEU A 82 -1.66 1.96 0.14
N GLY A 83 -1.48 1.31 1.25
CA GLY A 83 -0.74 0.10 1.21
C GLY A 83 -1.49 -0.98 1.93
N TYR A 84 -1.40 -2.20 1.37
CA TYR A 84 -2.11 -3.30 1.92
C TYR A 84 -1.08 -4.36 2.37
N SER A 85 -1.21 -4.68 3.65
CA SER A 85 -0.37 -5.75 4.12
C SER A 85 1.05 -5.33 3.95
N ALA A 86 1.90 -6.16 3.38
CA ALA A 86 3.28 -5.77 3.13
C ALA A 86 3.37 -4.40 2.45
N GLY A 87 2.43 -4.07 1.55
CA GLY A 87 2.49 -2.81 0.85
C GLY A 87 2.23 -1.58 1.72
N GLY A 88 1.62 -1.76 2.89
CA GLY A 88 1.63 -0.65 3.84
C GLY A 88 3.02 -0.20 4.28
N ASN A 89 3.87 -1.17 4.62
CA ASN A 89 5.31 -0.88 4.94
C ASN A 89 6.06 -0.20 3.82
N LEU A 90 5.76 -0.63 2.58
CA LEU A 90 6.46 -0.10 1.42
C LEU A 90 5.90 1.32 1.15
N ALA A 91 4.55 1.45 1.25
CA ALA A 91 3.89 2.73 0.89
C ALA A 91 4.43 3.82 1.83
N PHE A 92 4.70 3.42 3.10
CA PHE A 92 5.23 4.33 4.05
C PHE A 92 6.49 5.05 3.58
N GLU A 93 7.54 4.31 3.18
CA GLU A 93 8.71 4.86 2.53
C GLU A 93 8.35 5.82 1.42
N VAL A 94 7.32 5.48 0.60
CA VAL A 94 7.04 6.35 -0.60
C VAL A 94 6.57 7.66 -0.10
N VAL A 95 5.71 7.62 0.94
CA VAL A 95 5.19 8.83 1.52
C VAL A 95 6.35 9.80 2.00
N GLN A 96 7.28 9.17 2.71
CA GLN A 96 8.42 9.85 3.28
C GLN A 96 9.25 10.44 2.16
N ALA A 97 9.53 9.64 1.16
CA ALA A 97 10.16 10.13 -0.08
C ALA A 97 9.33 11.23 -0.67
N MET A 98 8.02 11.07 -0.82
CA MET A 98 7.33 12.19 -1.42
C MET A 98 7.49 13.46 -0.60
N GLU A 99 7.18 13.36 0.67
CA GLU A 99 7.23 14.45 1.57
C GLU A 99 8.63 15.08 1.65
N GLN A 100 9.67 14.26 1.58
CA GLN A 100 11.02 14.77 1.54
C GLN A 100 11.24 15.80 0.38
N LYS A 101 10.52 15.58 -0.72
CA LYS A 101 10.64 16.36 -1.92
C LYS A 101 9.68 17.52 -1.92
N GLY A 102 8.99 17.77 -0.81
CA GLY A 102 8.07 18.88 -0.80
C GLY A 102 6.69 18.48 -1.32
N LEU A 103 6.47 17.20 -1.69
CA LEU A 103 5.14 16.91 -2.20
C LEU A 103 4.18 16.78 -0.99
N GLU A 104 2.90 17.17 -1.22
CA GLU A 104 1.88 16.98 -0.22
C GLU A 104 1.05 15.70 -0.46
N VAL A 105 1.29 14.77 0.50
CA VAL A 105 0.45 13.60 0.78
C VAL A 105 -0.60 13.83 1.87
N SER A 106 -1.85 14.03 1.52
CA SER A 106 -2.76 14.43 2.54
C SER A 106 -3.11 13.34 3.45
N ASP A 107 -3.12 12.12 2.89
CA ASP A 107 -3.67 10.98 3.68
C ASP A 107 -3.07 9.72 3.30
N PHE A 108 -2.85 8.87 4.26
CA PHE A 108 -2.17 7.60 3.97
C PHE A 108 -3.01 6.52 4.54
N ILE A 109 -3.52 5.68 3.70
CA ILE A 109 -4.41 4.55 4.19
C ILE A 109 -3.67 3.20 4.29
N ILE A 110 -3.60 2.70 5.52
CA ILE A 110 -2.87 1.48 5.84
C ILE A 110 -3.90 0.37 6.21
N VAL A 111 -3.95 -0.65 5.35
CA VAL A 111 -4.92 -1.71 5.58
C VAL A 111 -4.14 -2.92 6.05
N ASP A 112 -4.29 -3.37 7.33
CA ASP A 112 -3.70 -4.63 7.71
C ASP A 112 -2.12 -4.61 7.56
N ALA A 113 -1.45 -3.51 7.88
CA ALA A 113 0.04 -3.51 7.86
C ALA A 113 0.40 -2.89 9.24
N TYR A 114 1.53 -3.40 9.80
CA TYR A 114 2.00 -2.99 11.16
C TYR A 114 3.40 -2.35 11.03
N LYS A 115 3.70 -1.28 11.74
CA LYS A 115 4.92 -0.57 11.52
C LYS A 115 6.06 -1.49 11.87
N LYS A 116 7.01 -1.55 10.94
CA LYS A 116 8.06 -2.54 10.94
C LYS A 116 9.34 -1.85 11.49
N ASP A 117 9.66 -2.22 12.71
CA ASP A 117 10.64 -1.40 13.43
C ASP A 117 12.00 -2.11 13.49
N GLN A 118 12.06 -3.41 13.27
CA GLN A 118 13.37 -4.05 13.04
C GLN A 118 13.50 -4.90 11.78
N SER A 119 14.73 -5.30 11.44
CA SER A 119 14.90 -6.29 10.37
C SER A 119 14.85 -7.69 10.92
N ILE A 120 14.40 -8.60 10.09
CA ILE A 120 14.44 -9.97 10.48
C ILE A 120 15.29 -10.60 9.40
N THR A 121 15.42 -11.91 9.54
CA THR A 121 16.04 -12.68 8.51
C THR A 121 15.02 -12.93 7.37
N ALA A 122 15.57 -12.90 6.15
CA ALA A 122 14.80 -12.97 4.90
C ALA A 122 13.94 -14.29 4.74
N ASP A 123 12.64 -14.08 4.51
CA ASP A 123 11.68 -15.19 4.42
C ASP A 123 11.82 -16.01 3.13
N LEU A 133 5.23 -25.28 -13.87
CA LEU A 133 6.17 -24.46 -14.64
C LEU A 133 7.50 -25.13 -14.51
N PRO A 134 8.26 -25.24 -15.64
CA PRO A 134 9.69 -25.67 -15.60
C PRO A 134 10.51 -24.79 -14.62
N GLU A 135 11.48 -25.39 -13.94
CA GLU A 135 12.43 -24.63 -13.08
C GLU A 135 12.93 -23.24 -13.61
N ALA A 136 13.31 -23.19 -14.89
CA ALA A 136 13.70 -21.92 -15.55
C ALA A 136 12.62 -20.82 -15.37
N VAL A 137 11.40 -21.11 -15.86
CA VAL A 137 10.22 -20.22 -15.70
C VAL A 137 9.74 -20.05 -14.20
N ARG A 138 9.61 -21.15 -13.44
CA ARG A 138 9.30 -21.06 -11.99
C ARG A 138 10.14 -19.95 -11.35
N GLU A 139 11.46 -19.99 -11.59
CA GLU A 139 12.47 -19.11 -10.98
C GLU A 139 12.37 -17.61 -11.39
N THR A 140 11.84 -17.36 -12.61
CA THR A 140 11.53 -15.99 -13.12
C THR A 140 10.22 -15.36 -12.59
N VAL A 141 9.16 -16.17 -12.64
CA VAL A 141 7.78 -15.87 -12.25
C VAL A 141 7.68 -15.45 -10.74
N MET A 142 8.54 -16.10 -9.91
CA MET A 142 8.59 -16.17 -8.43
C MET A 142 9.51 -15.13 -7.84
N GLN A 143 10.25 -14.48 -8.74
CA GLN A 143 11.32 -13.62 -8.32
C GLN A 143 10.88 -12.28 -7.79
N LYS A 144 9.68 -11.83 -8.21
CA LYS A 144 9.08 -10.65 -7.60
C LYS A 144 8.71 -10.83 -6.08
N LYS A 145 7.97 -11.90 -5.76
CA LYS A 145 7.64 -12.19 -4.41
C LYS A 145 8.90 -12.42 -3.55
N ARG A 146 9.85 -13.18 -4.09
CA ARG A 146 11.08 -13.51 -3.35
C ARG A 146 11.88 -12.20 -3.11
N CYS A 147 11.81 -11.29 -4.06
CA CYS A 147 12.48 -10.04 -4.00
C CYS A 147 11.81 -9.07 -3.07
N TYR A 148 10.48 -9.05 -3.09
CA TYR A 148 9.68 -8.35 -2.13
C TYR A 148 9.89 -8.87 -0.69
N GLN A 149 9.82 -10.19 -0.48
CA GLN A 149 10.05 -10.80 0.82
C GLN A 149 11.37 -10.34 1.43
N GLU A 150 12.33 -10.18 0.52
CA GLU A 150 13.64 -9.87 0.93
C GLU A 150 13.91 -8.36 1.15
N TYR A 151 13.26 -7.53 0.36
CA TYR A 151 13.24 -6.10 0.59
C TYR A 151 12.53 -5.76 1.96
N TRP A 152 11.45 -6.50 2.22
CA TRP A 152 10.59 -6.28 3.33
C TRP A 152 11.31 -6.69 4.63
N ALA A 153 11.82 -7.93 4.65
CA ALA A 153 12.77 -8.39 5.70
C ALA A 153 13.83 -7.34 6.12
N GLN A 154 14.52 -6.67 5.21
CA GLN A 154 15.56 -5.73 5.61
C GLN A 154 14.98 -4.36 5.98
N LEU A 155 13.68 -4.18 5.60
CA LEU A 155 13.09 -2.88 5.66
C LEU A 155 12.79 -2.50 7.11
N ILE A 156 13.04 -1.23 7.43
CA ILE A 156 12.70 -0.65 8.68
C ILE A 156 12.00 0.71 8.44
N ASN A 157 10.76 0.84 8.90
CA ASN A 157 10.01 2.14 8.88
C ASN A 157 10.41 2.96 10.08
N GLU A 158 10.95 4.15 9.86
CA GLU A 158 11.38 5.01 10.95
C GLU A 158 10.57 6.26 11.01
N GLY A 159 10.33 6.74 12.25
CA GLY A 159 9.67 8.00 12.46
C GLY A 159 8.27 8.15 11.93
N ARG A 160 8.04 9.33 11.34
CA ARG A 160 6.65 9.88 11.13
C ARG A 160 6.54 10.37 9.71
N ILE A 161 5.31 10.76 9.39
CA ILE A 161 4.96 11.37 8.10
C ILE A 161 3.97 12.51 8.46
N LYS A 162 3.91 13.56 7.68
CA LYS A 162 2.99 14.63 7.92
C LYS A 162 1.51 14.22 7.40
N SER A 163 1.43 13.32 6.39
CA SER A 163 0.20 12.71 6.01
C SER A 163 -0.67 12.25 7.24
N ASN A 164 -2.00 12.56 7.23
CA ASN A 164 -2.91 11.80 8.09
C ASN A 164 -2.74 10.25 7.83
N ILE A 165 -2.76 9.47 8.92
CA ILE A 165 -2.75 8.06 8.84
C ILE A 165 -4.16 7.54 9.15
N HIS A 166 -4.69 6.69 8.27
CA HIS A 166 -5.87 5.87 8.49
C HIS A 166 -5.43 4.44 8.55
N PHE A 167 -5.48 3.96 9.80
CA PHE A 167 -5.24 2.56 10.08
C PHE A 167 -6.52 1.70 10.12
N ILE A 168 -6.66 0.88 9.10
CA ILE A 168 -7.74 -0.13 9.05
C ILE A 168 -7.26 -1.60 9.36
N GLU A 169 -7.64 -2.19 10.48
CA GLU A 169 -7.12 -3.51 10.84
C GLU A 169 -8.18 -4.49 10.39
N ALA A 170 -7.82 -5.78 10.42
CA ALA A 170 -8.73 -6.92 10.10
C ALA A 170 -9.87 -6.98 11.14
N GLY A 171 -11.06 -7.33 10.66
CA GLY A 171 -12.20 -7.53 11.51
C GLY A 171 -12.16 -8.88 12.20
N ILE A 172 -11.40 -9.80 11.68
CA ILE A 172 -11.27 -11.15 12.28
C ILE A 172 -9.83 -11.32 12.68
N GLN A 173 -9.53 -11.50 13.95
CA GLN A 173 -8.16 -11.54 14.34
C GLN A 173 -7.93 -12.71 15.26
N THR A 174 -7.39 -13.78 14.72
CA THR A 174 -7.28 -15.00 15.48
C THR A 174 -5.82 -15.50 15.68
N GLU A 175 -5.07 -14.83 16.61
CA GLU A 175 -3.83 -15.27 17.34
C GLU A 175 -2.87 -14.10 17.91
N THR A 176 -3.19 -12.85 17.45
CA THR A 176 -2.75 -11.49 17.99
C THR A 176 -1.83 -11.43 19.26
N SER A 177 -0.50 -11.48 18.95
CA SER A 177 0.72 -11.27 19.82
C SER A 177 1.06 -9.77 20.04
N GLY A 178 0.42 -9.13 21.05
CA GLY A 178 0.55 -7.72 21.52
C GLY A 178 1.74 -6.77 21.22
N ALA A 179 2.94 -7.36 20.99
CA ALA A 179 4.04 -6.78 20.16
C ALA A 179 3.56 -5.89 18.97
N MET A 180 2.67 -6.48 18.13
CA MET A 180 1.85 -5.85 17.04
C MET A 180 1.06 -4.66 17.53
N VAL A 181 0.17 -4.89 18.51
CA VAL A 181 -0.69 -3.84 19.03
C VAL A 181 0.03 -2.51 19.44
N LEU A 182 1.31 -2.61 19.80
CA LEU A 182 2.13 -1.36 19.98
C LEU A 182 2.57 -0.77 18.63
N GLN A 183 2.35 -1.58 17.54
CA GLN A 183 2.74 -1.38 16.09
C GLN A 183 1.64 -0.86 15.08
N LYS A 184 0.66 -0.10 15.63
CA LYS A 184 -0.57 0.31 14.96
C LYS A 184 -0.35 1.77 14.39
N TRP A 185 0.91 2.31 14.42
CA TRP A 185 1.27 3.59 13.68
C TRP A 185 0.95 4.90 14.37
N GLN A 186 0.40 4.81 15.58
CA GLN A 186 0.13 5.99 16.40
C GLN A 186 1.38 6.96 16.50
N ASP A 187 2.60 6.41 16.67
CA ASP A 187 3.86 7.21 16.73
C ASP A 187 4.52 7.54 15.36
N ALA A 188 3.85 7.23 14.23
CA ALA A 188 4.31 7.51 12.85
C ALA A 188 3.49 8.67 12.35
N ALA A 189 2.57 9.20 13.19
CA ALA A 189 1.71 10.33 12.78
C ALA A 189 2.23 11.68 13.33
N GLU A 190 2.66 12.56 12.43
CA GLU A 190 2.94 13.91 12.83
C GLU A 190 1.66 14.60 13.13
N GLU A 191 0.54 14.17 12.58
CA GLU A 191 -0.53 15.13 12.42
C GLU A 191 -1.73 14.27 12.72
N GLY A 192 -2.47 13.79 11.75
CA GLY A 192 -3.69 13.07 12.11
C GLY A 192 -3.48 11.56 12.20
N TYR A 193 -4.28 10.97 13.07
CA TYR A 193 -4.24 9.55 13.27
C TYR A 193 -5.62 9.00 13.52
N ALA A 194 -5.96 7.89 12.87
CA ALA A 194 -7.31 7.29 13.11
C ALA A 194 -7.28 5.82 12.82
N GLU A 195 -8.09 5.17 13.57
CA GLU A 195 -8.14 3.68 13.55
C GLU A 195 -9.59 3.09 13.30
N TYR A 196 -9.70 1.97 12.61
CA TYR A 196 -10.97 1.54 12.02
C TYR A 196 -10.79 0.06 11.98
N THR A 197 -11.72 -0.65 12.54
CA THR A 197 -11.82 -2.08 12.34
C THR A 197 -12.62 -2.35 11.07
N GLY A 198 -11.96 -3.02 10.11
CA GLY A 198 -12.50 -3.41 8.84
C GLY A 198 -13.14 -4.79 9.04
N TYR A 199 -13.22 -5.51 7.90
CA TYR A 199 -13.93 -6.78 7.75
C TYR A 199 -13.01 -7.85 7.14
N GLY A 200 -13.15 -9.05 7.70
CA GLY A 200 -12.53 -10.28 7.26
C GLY A 200 -11.17 -10.40 7.91
N ALA A 201 -10.53 -11.55 7.74
CA ALA A 201 -9.24 -11.79 8.32
C ALA A 201 -8.17 -11.16 7.49
N HIS A 202 -6.95 -11.26 8.01
CA HIS A 202 -5.71 -10.79 7.34
C HIS A 202 -5.72 -11.08 5.85
N LYS A 203 -5.35 -12.32 5.52
CA LYS A 203 -5.46 -12.77 4.11
C LYS A 203 -6.57 -12.08 3.25
N ASP A 204 -7.84 -11.91 3.69
CA ASP A 204 -8.97 -11.67 2.76
C ASP A 204 -9.64 -10.32 2.66
N MET A 205 -8.95 -9.20 3.00
CA MET A 205 -9.68 -7.94 3.30
C MET A 205 -10.15 -7.26 2.06
N LEU A 206 -9.32 -7.29 1.03
CA LEU A 206 -9.63 -6.57 -0.20
C LEU A 206 -9.95 -7.46 -1.43
N GLU A 207 -10.19 -8.77 -1.23
CA GLU A 207 -10.77 -9.60 -2.28
C GLU A 207 -12.16 -10.15 -1.90
N GLY A 208 -12.83 -10.80 -2.85
CA GLY A 208 -14.03 -11.52 -2.53
C GLY A 208 -14.99 -10.66 -1.77
N GLU A 209 -15.52 -11.19 -0.67
CA GLU A 209 -16.74 -10.61 -0.04
C GLU A 209 -16.46 -9.35 0.81
N PHE A 210 -15.20 -9.29 1.23
CA PHE A 210 -14.83 -8.18 2.13
C PHE A 210 -14.44 -6.93 1.42
N ALA A 211 -14.28 -7.05 0.11
CA ALA A 211 -13.72 -5.95 -0.63
C ALA A 211 -14.72 -4.80 -0.57
N GLU A 212 -15.96 -5.17 -0.62
CA GLU A 212 -16.99 -4.18 -0.69
C GLU A 212 -17.15 -3.41 0.61
N LYS A 213 -17.30 -4.23 1.67
CA LYS A 213 -17.42 -3.75 3.05
C LYS A 213 -16.16 -2.89 3.35
N ASN A 214 -14.97 -3.31 2.94
CA ASN A 214 -13.77 -2.51 3.30
C ASN A 214 -13.61 -1.27 2.44
N ALA A 215 -14.07 -1.43 1.19
CA ALA A 215 -14.16 -0.33 0.25
C ALA A 215 -15.01 0.85 0.70
N ASN A 216 -16.16 0.61 1.35
CA ASN A 216 -16.92 1.75 1.89
C ASN A 216 -16.09 2.55 2.86
N ILE A 217 -15.22 1.88 3.64
CA ILE A 217 -14.42 2.58 4.63
C ILE A 217 -13.52 3.55 3.96
N ILE A 218 -12.85 2.98 2.98
CA ILE A 218 -11.86 3.73 2.18
C ILE A 218 -12.55 4.89 1.46
N LEU A 219 -13.70 4.61 0.83
CA LEU A 219 -14.47 5.70 0.27
C LEU A 219 -14.81 6.84 1.22
N ASN A 220 -15.35 6.48 2.39
CA ASN A 220 -15.72 7.44 3.43
C ASN A 220 -14.50 8.22 3.86
N ILE A 221 -13.35 7.55 3.98
CA ILE A 221 -12.10 8.28 4.34
C ILE A 221 -11.81 9.33 3.23
N LEU A 222 -11.83 8.85 1.96
CA LEU A 222 -11.72 9.71 0.78
C LEU A 222 -12.74 10.87 0.77
N ASP A 223 -13.99 10.58 0.99
CA ASP A 223 -15.01 11.65 1.00
C ASP A 223 -14.83 12.69 2.07
N LYS A 224 -14.23 12.28 3.24
CA LYS A 224 -14.09 13.18 4.42
C LYS A 224 -12.83 14.01 4.30
N ILE A 225 -12.00 13.74 3.27
CA ILE A 225 -10.69 14.41 3.24
C ILE A 225 -10.91 15.94 3.31
C PMS B . 1.30 -10.68 4.32
S PMS B . 0.49 -9.50 3.21
C1 PMS B . 2.68 -10.17 4.62
C2 PMS B . 3.80 -10.88 4.15
C3 PMS B . 5.11 -10.38 4.44
C4 PMS B . 5.28 -9.18 5.18
C5 PMS B . 4.14 -8.49 5.62
C6 PMS B . 2.82 -8.99 5.35
O2S PMS B . 1.44 -9.03 2.11
O1S PMS B . -0.77 -10.09 2.76
#